data_9KAN
#
_entry.id   9KAN
#
_cell.length_a   89.578
_cell.length_b   94.807
_cell.length_c   137.684
_cell.angle_alpha   90.000
_cell.angle_beta   90.000
_cell.angle_gamma   90.000
#
_symmetry.space_group_name_H-M   'C 2 2 21'
#
loop_
_entity.id
_entity.type
_entity.pdbx_description
1 polymer Vapd
2 polymer 'VapW antitoxin'
3 non-polymer 'SULFATE ION'
4 water water
#
loop_
_entity_poly.entity_id
_entity_poly.type
_entity_poly.pdbx_seq_one_letter_code
_entity_poly.pdbx_strand_id
1 'polypeptide(L)'
;MGSSHHHHHHSQDPGINRKAINFDLSTKSLEKYFKDTREPYSLIKKFMLENGFEHRQYSGYTSKEPINERRVIRIINKLT
KKFTWLGECVKEFDITEIGEQYSLKETIQDLCAKDFHQKLKEFTEKTPKNQKLKDLER
;
A,C
2 'polypeptide(L)'
;MASMTGGLEHPQFEKLEQKLISEEDLEDLAYPLLGTRIVLDEEKILKEGKYNLEDMYKMIDEYAKESGMIKINKETYHCK
GDKYDLGCMTLFIYKYLIDSEWFTKNAKEWIWISEKEGNSDLISASKAEGEGIWE
;
B,D
#
loop_
_chem_comp.id
_chem_comp.type
_chem_comp.name
_chem_comp.formula
SO4 non-polymer 'SULFATE ION' 'O4 S -2'
#
# COMPACT_ATOMS: atom_id res chain seq x y z
N GLN A 12 -7.46 19.08 -20.03
CA GLN A 12 -6.45 18.00 -20.16
C GLN A 12 -6.91 17.00 -21.23
N ASP A 13 -7.25 15.79 -20.82
CA ASP A 13 -7.76 14.75 -21.77
C ASP A 13 -9.27 14.64 -21.59
N PRO A 14 -10.10 15.15 -22.52
CA PRO A 14 -11.55 15.19 -22.30
C PRO A 14 -12.20 13.82 -22.22
N GLY A 15 -11.58 12.79 -22.78
CA GLY A 15 -12.11 11.44 -22.63
C GLY A 15 -12.08 10.91 -21.21
N ILE A 16 -11.26 11.48 -20.34
CA ILE A 16 -11.13 10.97 -18.98
C ILE A 16 -12.06 11.75 -18.05
N ASN A 17 -12.98 11.05 -17.39
CA ASN A 17 -13.96 11.65 -16.49
C ASN A 17 -13.55 11.49 -15.03
N ARG A 18 -14.25 12.26 -14.19
CA ARG A 18 -14.26 12.00 -12.77
C ARG A 18 -14.96 10.67 -12.48
N LYS A 19 -14.68 10.11 -11.31
CA LYS A 19 -15.26 8.82 -10.94
C LYS A 19 -15.99 8.92 -9.61
N ALA A 20 -17.06 8.17 -9.49
CA ALA A 20 -17.79 8.00 -8.25
C ALA A 20 -17.62 6.58 -7.77
N ILE A 21 -17.37 6.42 -6.48
CA ILE A 21 -17.30 5.12 -5.84
C ILE A 21 -18.39 5.05 -4.79
N ASN A 22 -19.23 4.02 -4.88
CA ASN A 22 -20.32 3.84 -3.94
C ASN A 22 -20.34 2.37 -3.54
N PHE A 23 -20.60 2.11 -2.27
CA PHE A 23 -20.57 0.76 -1.79
C PHE A 23 -21.49 0.60 -0.59
N ASP A 24 -21.77 -0.65 -0.27
CA ASP A 24 -22.63 -0.98 0.84
C ASP A 24 -22.02 -2.19 1.50
N LEU A 25 -21.82 -2.12 2.82
CA LEU A 25 -21.22 -3.19 3.58
C LEU A 25 -22.26 -3.80 4.52
N SER A 26 -22.07 -5.07 4.84
CA SER A 26 -22.93 -5.77 5.80
C SER A 26 -22.49 -5.44 7.22
N THR A 27 -23.44 -4.92 8.02
CA THR A 27 -23.14 -4.64 9.42
C THR A 27 -22.88 -5.93 10.22
N LYS A 28 -23.63 -7.01 9.94
CA LYS A 28 -23.40 -8.28 10.63
C LYS A 28 -21.97 -8.77 10.38
N SER A 29 -21.50 -8.72 9.13
CA SER A 29 -20.15 -9.18 8.83
C SER A 29 -19.10 -8.23 9.39
N LEU A 30 -19.39 -6.93 9.44
CA LEU A 30 -18.43 -5.97 9.97
C LEU A 30 -18.24 -6.12 11.48
N GLU A 31 -19.30 -6.56 12.19
CA GLU A 31 -19.22 -6.77 13.63
C GLU A 31 -18.25 -7.88 14.00
N LYS A 32 -17.95 -8.79 13.07
CA LYS A 32 -16.95 -9.82 13.35
C LYS A 32 -15.58 -9.22 13.55
N TYR A 33 -15.29 -8.12 12.87
CA TYR A 33 -13.95 -7.56 12.83
C TYR A 33 -13.80 -6.28 13.63
N PHE A 34 -14.90 -5.59 13.93
CA PHE A 34 -14.84 -4.34 14.67
C PHE A 34 -15.93 -4.31 15.72
N LYS A 35 -15.54 -4.00 16.95
CA LYS A 35 -16.53 -3.81 18.01
C LYS A 35 -17.37 -2.57 17.74
N ASP A 36 -16.75 -1.51 17.23
CA ASP A 36 -17.45 -0.28 16.85
C ASP A 36 -17.52 -0.26 15.32
N THR A 37 -18.70 -0.55 14.76
CA THR A 37 -18.77 -0.67 13.32
C THR A 37 -18.59 0.67 12.59
N ARG A 38 -18.47 1.78 13.32
CA ARG A 38 -18.20 3.07 12.67
C ARG A 38 -16.74 3.19 12.25
N GLU A 39 -15.84 2.47 12.92
CA GLU A 39 -14.42 2.55 12.57
C GLU A 39 -14.14 2.17 11.13
N PRO A 40 -14.59 1.02 10.60
CA PRO A 40 -14.23 0.65 9.22
C PRO A 40 -14.60 1.73 8.19
N TYR A 41 -15.75 2.40 8.35
CA TYR A 41 -16.11 3.50 7.47
C TYR A 41 -15.14 4.67 7.61
N SER A 42 -14.64 4.88 8.83
CA SER A 42 -13.66 5.93 9.04
C SER A 42 -12.31 5.54 8.44
N LEU A 43 -11.97 4.25 8.51
CA LEU A 43 -10.72 3.79 7.92
C LEU A 43 -10.74 3.97 6.40
N ILE A 44 -11.86 3.59 5.77
CA ILE A 44 -11.98 3.73 4.32
C ILE A 44 -12.00 5.20 3.93
N LYS A 45 -12.73 6.00 4.71
CA LYS A 45 -12.76 7.44 4.44
C LYS A 45 -11.36 8.03 4.40
N LYS A 46 -10.51 7.67 5.36
CA LYS A 46 -9.14 8.19 5.37
C LYS A 46 -8.36 7.73 4.15
N PHE A 47 -8.46 6.44 3.80
CA PHE A 47 -7.77 5.93 2.63
C PHE A 47 -8.23 6.64 1.36
N MET A 48 -9.53 6.88 1.25
CA MET A 48 -10.07 7.47 0.03
C MET A 48 -9.55 8.90 -0.14
N LEU A 49 -9.56 9.67 0.95
CA LEU A 49 -9.08 11.04 0.86
C LEU A 49 -7.58 11.08 0.54
N GLU A 50 -6.83 10.07 1.00
CA GLU A 50 -5.41 9.98 0.65
C GLU A 50 -5.20 9.67 -0.83
N ASN A 51 -6.19 9.12 -1.51
CA ASN A 51 -6.00 8.65 -2.88
C ASN A 51 -6.85 9.41 -3.88
N GLY A 52 -7.15 10.68 -3.59
CA GLY A 52 -7.72 11.58 -4.57
C GLY A 52 -9.23 11.65 -4.60
N PHE A 53 -9.91 11.03 -3.65
CA PHE A 53 -11.37 11.02 -3.58
C PHE A 53 -11.80 11.87 -2.40
N GLU A 54 -13.04 12.34 -2.44
CA GLU A 54 -13.61 13.09 -1.33
C GLU A 54 -14.99 12.54 -1.01
N HIS A 55 -15.37 12.61 0.27
CA HIS A 55 -16.66 12.06 0.69
C HIS A 55 -17.74 13.09 0.40
N ARG A 56 -18.89 12.58 -0.05
CA ARG A 56 -20.02 13.48 -0.40
C ARG A 56 -20.87 13.72 0.84
N GLN A 57 -21.63 14.81 0.85
CA GLN A 57 -22.54 15.11 2.00
C GLN A 57 -23.83 14.27 1.84
N TYR A 58 -23.80 13.31 0.92
CA TYR A 58 -24.96 12.40 0.73
C TYR A 58 -24.43 10.99 0.94
N SER A 59 -23.58 10.50 0.02
CA SER A 59 -22.97 9.15 0.16
C SER A 59 -22.01 8.90 -1.01
N GLY A 60 -20.84 8.30 -0.74
CA GLY A 60 -19.94 7.91 -1.85
C GLY A 60 -18.67 8.74 -1.93
N TYR A 61 -17.73 8.29 -2.78
CA TYR A 61 -16.45 9.03 -2.97
C TYR A 61 -16.36 9.53 -4.40
N THR A 62 -16.28 10.86 -4.56
CA THR A 62 -16.11 11.43 -5.88
C THR A 62 -14.66 11.82 -6.04
N SER A 63 -14.05 11.46 -7.17
CA SER A 63 -12.68 11.87 -7.43
C SER A 63 -12.58 13.38 -7.56
N LYS A 64 -11.57 13.97 -6.91
CA LYS A 64 -11.39 15.42 -6.95
C LYS A 64 -11.16 15.90 -8.37
N GLU A 65 -10.29 15.22 -9.09
CA GLU A 65 -9.99 15.47 -10.49
C GLU A 65 -10.47 14.30 -11.34
N PRO A 66 -10.50 14.45 -12.67
CA PRO A 66 -10.68 13.29 -13.54
C PRO A 66 -9.59 12.26 -13.29
N ILE A 67 -9.95 10.97 -13.37
CA ILE A 67 -9.01 9.88 -13.14
C ILE A 67 -9.35 8.73 -14.07
N ASN A 68 -8.35 8.18 -14.78
CA ASN A 68 -8.68 7.14 -15.73
C ASN A 68 -8.96 5.82 -15.02
N GLU A 69 -9.55 4.88 -15.78
CA GLU A 69 -10.03 3.63 -15.21
C GLU A 69 -8.89 2.77 -14.67
N ARG A 70 -7.73 2.81 -15.33
CA ARG A 70 -6.58 2.03 -14.87
C ARG A 70 -6.17 2.46 -13.48
N ARG A 71 -6.06 3.77 -13.25
CA ARG A 71 -5.64 4.27 -11.95
C ARG A 71 -6.69 4.01 -10.87
N VAL A 72 -7.97 4.06 -11.23
CA VAL A 72 -9.04 3.77 -10.28
C VAL A 72 -8.95 2.34 -9.80
N ILE A 73 -8.79 1.39 -10.73
CA ILE A 73 -8.77 0.00 -10.28
C ILE A 73 -7.47 -0.31 -9.52
N ARG A 74 -6.37 0.42 -9.79
CA ARG A 74 -5.17 0.25 -8.95
C ARG A 74 -5.43 0.71 -7.52
N ILE A 75 -6.20 1.78 -7.36
CA ILE A 75 -6.56 2.26 -6.03
C ILE A 75 -7.46 1.25 -5.32
N ILE A 76 -8.37 0.60 -6.05
CA ILE A 76 -9.24 -0.39 -5.43
C ILE A 76 -8.46 -1.65 -5.07
N ASN A 77 -7.53 -2.06 -5.94
CA ASN A 77 -6.60 -3.14 -5.60
C ASN A 77 -5.84 -2.82 -4.32
N LYS A 78 -5.23 -1.63 -4.27
CA LYS A 78 -4.53 -1.16 -3.08
C LYS A 78 -5.44 -1.21 -1.84
N LEU A 79 -6.68 -0.73 -1.97
CA LEU A 79 -7.63 -0.77 -0.86
C LEU A 79 -7.91 -2.20 -0.39
N THR A 80 -8.13 -3.13 -1.32
CA THR A 80 -8.48 -4.49 -0.91
C THR A 80 -7.29 -5.22 -0.29
N LYS A 81 -6.05 -4.90 -0.74
CA LYS A 81 -4.88 -5.48 -0.08
C LYS A 81 -4.68 -4.89 1.32
N LYS A 82 -5.05 -3.63 1.51
CA LYS A 82 -4.93 -3.02 2.84
C LYS A 82 -5.96 -3.58 3.81
N PHE A 83 -7.23 -3.69 3.39
CA PHE A 83 -8.30 -4.11 4.29
C PHE A 83 -8.92 -5.40 3.77
N THR A 84 -8.27 -6.54 4.04
CA THR A 84 -8.74 -7.79 3.43
C THR A 84 -10.12 -8.22 3.94
N TRP A 85 -10.63 -7.61 5.01
CA TRP A 85 -12.00 -7.88 5.45
C TRP A 85 -13.05 -7.29 4.53
N LEU A 86 -12.65 -6.50 3.53
CA LEU A 86 -13.59 -5.94 2.57
C LEU A 86 -14.28 -7.05 1.77
N GLY A 87 -13.53 -8.09 1.37
CA GLY A 87 -14.13 -9.16 0.58
C GLY A 87 -15.21 -9.90 1.34
N GLU A 88 -15.02 -10.06 2.64
CA GLU A 88 -15.99 -10.72 3.51
C GLU A 88 -17.25 -9.87 3.74
N CYS A 89 -17.13 -8.55 3.75
CA CYS A 89 -18.22 -7.69 4.17
C CYS A 89 -18.93 -6.94 3.04
N VAL A 90 -18.42 -6.96 1.81
CA VAL A 90 -18.96 -6.09 0.78
C VAL A 90 -20.31 -6.65 0.30
N LYS A 91 -21.33 -5.80 0.26
CA LYS A 91 -22.60 -6.14 -0.37
C LYS A 91 -22.76 -5.56 -1.78
N GLU A 92 -22.32 -4.32 -2.00
CA GLU A 92 -22.21 -3.80 -3.36
C GLU A 92 -21.02 -2.86 -3.40
N PHE A 93 -20.44 -2.70 -4.60
CA PHE A 93 -19.30 -1.80 -4.77
C PHE A 93 -19.24 -1.43 -6.24
N ASP A 94 -19.55 -0.16 -6.56
CA ASP A 94 -19.69 0.30 -7.93
C ASP A 94 -18.75 1.47 -8.21
N ILE A 95 -18.16 1.46 -9.41
CA ILE A 95 -17.45 2.60 -10.00
C ILE A 95 -18.35 3.18 -11.08
N THR A 96 -18.69 4.47 -11.00
CA THR A 96 -19.45 5.06 -12.10
C THR A 96 -18.73 6.26 -12.69
N GLU A 97 -18.70 6.30 -14.03
CA GLU A 97 -18.19 7.44 -14.78
C GLU A 97 -19.13 8.63 -14.60
N ILE A 98 -18.58 9.76 -14.19
CA ILE A 98 -19.33 10.99 -13.97
C ILE A 98 -19.20 11.85 -15.23
N GLY A 99 -20.33 12.19 -15.83
CA GLY A 99 -20.35 12.89 -17.11
C GLY A 99 -20.42 14.40 -16.95
N GLU A 100 -21.15 14.84 -15.93
CA GLU A 100 -21.35 16.23 -15.55
C GLU A 100 -22.13 16.23 -14.24
N GLN A 101 -21.87 17.19 -13.34
CA GLN A 101 -22.60 17.27 -12.07
C GLN A 101 -23.18 18.67 -11.89
N TYR A 102 -24.48 18.73 -11.64
CA TYR A 102 -25.22 20.00 -11.60
C TYR A 102 -25.82 20.22 -10.21
N SER A 103 -25.80 21.46 -9.74
CA SER A 103 -26.30 21.79 -8.41
C SER A 103 -27.67 22.44 -8.50
N LEU A 104 -28.64 21.88 -7.79
CA LEU A 104 -29.99 22.42 -7.79
C LEU A 104 -30.45 22.98 -6.44
N LYS A 105 -29.58 23.04 -5.43
CA LYS A 105 -29.99 23.53 -4.11
C LYS A 105 -30.67 24.90 -4.20
N GLU A 106 -29.95 25.89 -4.73
CA GLU A 106 -30.51 27.23 -4.82
C GLU A 106 -31.73 27.29 -5.74
N THR A 107 -31.76 26.50 -6.82
CA THR A 107 -32.91 26.50 -7.71
C THR A 107 -34.16 26.03 -6.99
N ILE A 108 -34.04 24.95 -6.22
CA ILE A 108 -35.15 24.43 -5.43
C ILE A 108 -35.61 25.45 -4.40
N GLN A 109 -34.67 26.15 -3.75
CA GLN A 109 -35.04 27.26 -2.89
C GLN A 109 -35.78 28.37 -3.66
N ASP A 110 -35.34 28.67 -4.89
CA ASP A 110 -36.00 29.67 -5.71
C ASP A 110 -37.42 29.26 -6.06
N LEU A 111 -37.61 28.01 -6.47
CA LEU A 111 -38.93 27.56 -6.88
C LEU A 111 -39.94 27.71 -5.75
N CYS A 112 -39.53 27.40 -4.53
CA CYS A 112 -40.45 27.49 -3.37
C CYS A 112 -40.44 28.92 -2.80
N ALA A 113 -40.45 29.94 -3.67
CA ALA A 113 -40.48 31.35 -3.20
C ALA A 113 -41.83 32.00 -3.49
N LYS A 114 -42.64 31.39 -4.36
CA LYS A 114 -43.99 31.96 -4.58
C LYS A 114 -43.87 33.48 -4.57
N ASP A 115 -43.08 34.03 -5.48
CA ASP A 115 -42.97 35.52 -5.59
C ASP A 115 -43.50 35.89 -6.96
N PHE A 116 -43.52 34.92 -7.88
CA PHE A 116 -44.07 35.13 -9.23
C PHE A 116 -45.37 34.35 -9.23
N HIS A 117 -46.47 35.01 -9.59
CA HIS A 117 -47.81 34.36 -9.46
C HIS A 117 -47.89 33.49 -8.21
N ASP B 25 -33.64 -5.03 -24.27
CA ASP B 25 -34.29 -4.03 -25.13
C ASP B 25 -33.23 -3.23 -25.87
N LEU B 26 -33.57 -2.00 -26.26
CA LEU B 26 -32.68 -1.16 -27.06
C LEU B 26 -31.57 -0.48 -26.26
N GLU B 27 -31.49 -0.68 -24.94
CA GLU B 27 -30.55 0.07 -24.11
C GLU B 27 -29.53 -0.85 -23.45
N ASP B 28 -28.44 -0.23 -22.97
CA ASP B 28 -27.42 -0.87 -22.13
C ASP B 28 -26.53 -1.87 -22.90
N LEU B 29 -26.43 -1.73 -24.22
CA LEU B 29 -25.83 -2.76 -25.07
C LEU B 29 -24.46 -2.39 -25.61
N ALA B 30 -23.96 -1.16 -25.37
CA ALA B 30 -22.77 -0.67 -26.05
C ALA B 30 -21.81 -0.02 -25.05
N TYR B 31 -21.03 -0.84 -24.37
CA TYR B 31 -19.98 -0.33 -23.49
C TYR B 31 -18.74 0.03 -24.29
N PRO B 32 -17.96 1.01 -23.85
CA PRO B 32 -16.72 1.32 -24.57
C PRO B 32 -15.70 0.20 -24.41
N LEU B 33 -14.84 0.05 -25.42
CA LEU B 33 -13.89 -1.05 -25.40
C LEU B 33 -12.83 -0.88 -24.31
N LEU B 34 -12.64 -1.94 -23.54
CA LEU B 34 -11.46 -2.11 -22.70
C LEU B 34 -10.78 -3.42 -23.07
N GLY B 35 -9.45 -3.40 -23.13
CA GLY B 35 -8.72 -4.62 -23.43
C GLY B 35 -7.22 -4.41 -23.31
N THR B 36 -6.48 -5.38 -23.85
CA THR B 36 -5.02 -5.30 -23.78
C THR B 36 -4.40 -5.98 -24.98
N ARG B 37 -3.28 -5.41 -25.45
CA ARG B 37 -2.42 -6.00 -26.47
C ARG B 37 -1.14 -6.50 -25.80
N ILE B 38 -0.78 -7.75 -26.08
CA ILE B 38 0.38 -8.42 -25.49
C ILE B 38 1.31 -8.89 -26.60
N VAL B 39 2.60 -8.56 -26.49
CA VAL B 39 3.63 -9.11 -27.38
C VAL B 39 4.78 -9.62 -26.51
N LEU B 40 4.96 -10.93 -26.50
CA LEU B 40 6.11 -11.54 -25.83
C LEU B 40 7.39 -11.30 -26.63
N ASP B 41 8.52 -11.36 -25.94
CA ASP B 41 9.84 -11.25 -26.57
C ASP B 41 10.27 -12.67 -26.95
N GLU B 42 9.72 -13.16 -28.07
CA GLU B 42 9.94 -14.54 -28.48
C GLU B 42 11.42 -14.85 -28.70
N GLU B 43 12.17 -13.86 -29.19
CA GLU B 43 13.60 -14.03 -29.41
C GLU B 43 14.33 -14.27 -28.09
N LYS B 44 14.03 -13.46 -27.08
CA LYS B 44 14.62 -13.66 -25.76
C LYS B 44 14.21 -14.99 -25.15
N ILE B 45 12.96 -15.40 -25.37
CA ILE B 45 12.45 -16.62 -24.76
C ILE B 45 13.18 -17.85 -25.30
N LEU B 46 13.41 -17.91 -26.60
CA LEU B 46 14.07 -19.06 -27.19
C LEU B 46 15.56 -19.04 -26.89
N LYS B 47 16.19 -17.88 -27.04
CA LYS B 47 17.62 -17.75 -26.79
C LYS B 47 17.99 -18.11 -25.35
N GLU B 48 17.07 -17.91 -24.41
CA GLU B 48 17.37 -18.20 -23.01
C GLU B 48 17.01 -19.64 -22.62
N GLY B 49 16.08 -20.27 -23.33
CA GLY B 49 15.71 -21.65 -23.07
C GLY B 49 15.17 -21.93 -21.69
N LYS B 50 14.80 -20.88 -20.94
CA LYS B 50 14.23 -21.08 -19.62
C LYS B 50 12.82 -21.66 -19.69
N TYR B 51 11.96 -21.04 -20.49
CA TYR B 51 10.56 -21.42 -20.60
C TYR B 51 10.27 -21.99 -21.97
N ASN B 52 9.14 -22.68 -22.07
CA ASN B 52 8.60 -23.14 -23.33
C ASN B 52 7.60 -22.10 -23.84
N LEU B 53 7.84 -21.60 -25.06
CA LEU B 53 7.06 -20.46 -25.56
C LEU B 53 5.59 -20.80 -25.71
N GLU B 54 5.28 -22.03 -26.12
CA GLU B 54 3.88 -22.41 -26.36
C GLU B 54 3.08 -22.46 -25.07
N ASP B 55 3.69 -22.91 -23.96
CA ASP B 55 2.98 -22.97 -22.70
C ASP B 55 2.81 -21.61 -22.05
N MET B 56 3.67 -20.63 -22.38
CA MET B 56 3.44 -19.27 -21.96
C MET B 56 2.11 -18.75 -22.52
N TYR B 57 1.88 -18.96 -23.83
CA TYR B 57 0.64 -18.51 -24.45
C TYR B 57 -0.57 -19.25 -23.90
N LYS B 58 -0.40 -20.54 -23.58
CA LYS B 58 -1.50 -21.30 -22.97
C LYS B 58 -1.79 -20.81 -21.56
N MET B 59 -0.74 -20.44 -20.81
CA MET B 59 -0.97 -19.87 -19.49
C MET B 59 -1.67 -18.51 -19.59
N ILE B 60 -1.28 -17.68 -20.57
CA ILE B 60 -1.97 -16.42 -20.76
C ILE B 60 -3.44 -16.64 -21.11
N ASP B 61 -3.72 -17.62 -21.98
CA ASP B 61 -5.10 -17.92 -22.37
C ASP B 61 -5.93 -18.36 -21.18
N GLU B 62 -5.33 -19.18 -20.31
CA GLU B 62 -6.03 -19.64 -19.11
C GLU B 62 -6.33 -18.47 -18.18
N TYR B 63 -5.37 -17.54 -18.04
CA TYR B 63 -5.63 -16.33 -17.28
C TYR B 63 -6.82 -15.56 -17.86
N ALA B 64 -6.86 -15.40 -19.18
CA ALA B 64 -7.95 -14.65 -19.79
C ALA B 64 -9.29 -15.34 -19.55
N LYS B 65 -9.29 -16.67 -19.55
CA LYS B 65 -10.50 -17.44 -19.27
C LYS B 65 -11.02 -17.20 -17.86
N GLU B 66 -10.16 -17.35 -16.84
CA GLU B 66 -10.67 -17.17 -15.49
C GLU B 66 -10.88 -15.71 -15.11
N SER B 67 -10.40 -14.76 -15.91
CA SER B 67 -10.74 -13.36 -15.69
C SER B 67 -11.97 -12.90 -16.46
N GLY B 68 -12.48 -13.70 -17.40
CA GLY B 68 -13.64 -13.32 -18.17
C GLY B 68 -13.36 -12.53 -19.43
N MET B 69 -12.14 -12.63 -19.98
CA MET B 69 -11.72 -11.90 -21.16
C MET B 69 -11.94 -12.72 -22.43
N ILE B 70 -12.13 -12.03 -23.56
CA ILE B 70 -12.33 -12.66 -24.87
C ILE B 70 -11.04 -12.56 -25.66
N LYS B 71 -10.57 -13.70 -26.19
CA LYS B 71 -9.35 -13.68 -27.00
C LYS B 71 -9.70 -13.26 -28.42
N ILE B 72 -9.14 -12.14 -28.88
CA ILE B 72 -9.33 -11.71 -30.25
C ILE B 72 -8.31 -12.36 -31.18
N ASN B 73 -7.03 -12.26 -30.85
CA ASN B 73 -5.99 -12.94 -31.62
C ASN B 73 -4.80 -13.19 -30.69
N LYS B 74 -3.70 -13.67 -31.27
CA LYS B 74 -2.51 -14.05 -30.50
C LYS B 74 -2.08 -12.96 -29.53
N GLU B 75 -2.28 -11.69 -29.91
CA GLU B 75 -1.80 -10.58 -29.13
C GLU B 75 -2.89 -9.83 -28.36
N THR B 76 -4.17 -10.04 -28.68
CA THR B 76 -5.22 -9.10 -28.30
C THR B 76 -6.35 -9.79 -27.56
N TYR B 77 -6.73 -9.21 -26.41
CA TYR B 77 -7.86 -9.66 -25.60
C TYR B 77 -8.74 -8.45 -25.30
N HIS B 78 -10.05 -8.69 -25.26
CA HIS B 78 -11.06 -7.66 -25.06
C HIS B 78 -12.01 -8.08 -23.97
N CYS B 79 -12.57 -7.09 -23.27
CA CYS B 79 -13.71 -7.35 -22.40
C CYS B 79 -14.97 -7.65 -23.22
N LYS B 80 -15.95 -8.25 -22.55
CA LYS B 80 -17.23 -8.55 -23.17
C LYS B 80 -18.08 -7.31 -23.41
N GLY B 81 -17.83 -6.21 -22.69
CA GLY B 81 -18.64 -5.02 -22.84
C GLY B 81 -19.93 -5.00 -22.05
N ASP B 82 -19.82 -5.12 -20.72
CA ASP B 82 -20.94 -5.03 -19.80
C ASP B 82 -20.40 -4.48 -18.48
N LYS B 83 -21.23 -4.54 -17.44
CA LYS B 83 -20.88 -3.84 -16.21
C LYS B 83 -19.70 -4.48 -15.47
N TYR B 84 -19.27 -5.68 -15.85
CA TYR B 84 -18.16 -6.36 -15.21
C TYR B 84 -16.82 -6.14 -15.90
N ASP B 85 -16.75 -5.23 -16.89
CA ASP B 85 -15.52 -5.02 -17.66
C ASP B 85 -14.34 -4.66 -16.76
N LEU B 86 -14.53 -3.70 -15.86
CA LEU B 86 -13.42 -3.24 -15.03
C LEU B 86 -12.92 -4.35 -14.12
N GLY B 87 -13.82 -5.18 -13.60
CA GLY B 87 -13.40 -6.28 -12.75
C GLY B 87 -12.59 -7.32 -13.52
N CYS B 88 -13.02 -7.62 -14.75
CA CYS B 88 -12.26 -8.54 -15.58
C CYS B 88 -10.88 -8.01 -15.88
N MET B 89 -10.77 -6.72 -16.19
CA MET B 89 -9.47 -6.13 -16.41
C MET B 89 -8.63 -6.12 -15.14
N THR B 90 -9.25 -5.94 -13.97
CA THR B 90 -8.51 -5.96 -12.71
C THR B 90 -7.84 -7.31 -12.49
N LEU B 91 -8.56 -8.40 -12.80
CA LEU B 91 -8.02 -9.73 -12.56
C LEU B 91 -6.92 -10.08 -13.54
N PHE B 92 -7.20 -9.89 -14.84
CA PHE B 92 -6.28 -10.27 -15.90
C PHE B 92 -4.95 -9.54 -15.79
N ILE B 93 -5.00 -8.22 -15.57
CA ILE B 93 -3.78 -7.43 -15.56
C ILE B 93 -3.15 -7.39 -14.18
N TYR B 94 -3.93 -7.08 -13.16
CA TYR B 94 -3.33 -6.73 -11.88
C TYR B 94 -3.44 -7.83 -10.84
N LYS B 95 -4.06 -8.96 -11.15
CA LYS B 95 -3.91 -10.16 -10.32
C LYS B 95 -3.02 -11.20 -11.00
N TYR B 96 -3.36 -11.61 -12.23
CA TYR B 96 -2.64 -12.73 -12.84
C TYR B 96 -1.35 -12.28 -13.52
N LEU B 97 -1.43 -11.44 -14.56
CA LEU B 97 -0.26 -11.21 -15.40
C LEU B 97 0.85 -10.47 -14.65
N ILE B 98 0.51 -9.43 -13.87
CA ILE B 98 1.53 -8.54 -13.32
C ILE B 98 2.40 -9.26 -12.30
N ASP B 99 1.86 -10.30 -11.66
CA ASP B 99 2.55 -11.08 -10.65
C ASP B 99 3.09 -12.39 -11.21
N SER B 100 3.06 -12.56 -12.54
CA SER B 100 3.69 -13.68 -13.24
C SER B 100 5.08 -13.25 -13.69
N GLU B 101 6.12 -13.70 -12.96
CA GLU B 101 7.48 -13.26 -13.27
C GLU B 101 7.92 -13.70 -14.66
N TRP B 102 7.62 -14.96 -15.04
CA TRP B 102 7.90 -15.43 -16.40
C TRP B 102 7.26 -14.55 -17.46
N PHE B 103 6.13 -13.92 -17.14
CA PHE B 103 5.49 -13.02 -18.10
C PHE B 103 6.21 -11.68 -18.17
N THR B 104 6.34 -11.00 -17.02
CA THR B 104 6.81 -9.62 -17.06
C THR B 104 8.27 -9.54 -17.54
N LYS B 105 9.07 -10.56 -17.22
CA LYS B 105 10.46 -10.54 -17.65
C LYS B 105 10.64 -10.81 -19.15
N ASN B 106 9.62 -11.32 -19.84
CA ASN B 106 9.76 -11.72 -21.23
C ASN B 106 8.77 -11.00 -22.14
N ALA B 107 8.25 -9.85 -21.71
CA ALA B 107 7.26 -9.10 -22.47
C ALA B 107 7.94 -7.97 -23.23
N LYS B 108 7.77 -7.95 -24.56
CA LYS B 108 8.32 -6.88 -25.38
C LYS B 108 7.42 -5.65 -25.40
N GLU B 109 6.10 -5.86 -25.28
CA GLU B 109 5.12 -4.79 -25.35
C GLU B 109 3.86 -5.22 -24.62
N TRP B 110 3.28 -4.29 -23.86
CA TRP B 110 2.08 -4.51 -23.05
C TRP B 110 1.32 -3.20 -22.99
N ILE B 111 0.11 -3.19 -23.55
CA ILE B 111 -0.71 -2.00 -23.73
C ILE B 111 -2.06 -2.20 -23.04
N TRP B 112 -2.45 -1.21 -22.25
CA TRP B 112 -3.83 -1.08 -21.76
C TRP B 112 -4.64 -0.31 -22.81
N ILE B 113 -5.68 -0.94 -23.35
CA ILE B 113 -6.49 -0.35 -24.42
C ILE B 113 -7.81 0.14 -23.82
N SER B 114 -8.08 1.44 -23.99
CA SER B 114 -9.36 2.04 -23.59
C SER B 114 -9.85 2.95 -24.71
N GLU B 115 -10.92 2.52 -25.40
CA GLU B 115 -11.49 3.33 -26.49
C GLU B 115 -11.75 4.75 -26.05
N LYS B 116 -12.34 4.91 -24.88
CA LYS B 116 -12.80 6.21 -24.42
C LYS B 116 -11.66 7.07 -23.85
N GLU B 117 -10.74 6.46 -23.11
CA GLU B 117 -9.72 7.21 -22.39
C GLU B 117 -8.36 7.22 -23.08
N GLY B 118 -8.16 6.42 -24.13
CA GLY B 118 -6.86 6.28 -24.76
C GLY B 118 -6.06 5.12 -24.17
N ASN B 119 -4.98 4.76 -24.86
CA ASN B 119 -4.14 3.62 -24.47
C ASN B 119 -2.96 4.07 -23.62
N SER B 120 -2.32 3.11 -22.94
CA SER B 120 -1.11 3.48 -22.23
C SER B 120 -0.17 2.28 -22.14
N ASP B 121 1.11 2.60 -21.98
CA ASP B 121 2.18 1.63 -21.87
C ASP B 121 2.18 1.02 -20.46
N LEU B 122 1.81 -0.27 -20.36
CA LEU B 122 1.76 -0.93 -19.06
C LEU B 122 3.14 -1.28 -18.52
N ILE B 123 4.13 -1.48 -19.39
CA ILE B 123 5.47 -1.80 -18.91
C ILE B 123 6.08 -0.57 -18.24
N SER B 124 6.06 0.57 -18.92
CA SER B 124 6.66 1.77 -18.32
C SER B 124 5.89 2.19 -17.07
N ALA B 125 4.56 2.10 -17.09
CA ALA B 125 3.78 2.45 -15.90
C ALA B 125 4.08 1.49 -14.75
N SER B 126 4.19 0.20 -15.02
CA SER B 126 4.36 -0.74 -13.90
C SER B 126 5.76 -0.62 -13.27
N LYS B 127 6.79 -0.34 -14.08
CA LYS B 127 8.12 -0.12 -13.52
C LYS B 127 8.16 1.13 -12.63
N ALA B 128 7.44 2.18 -13.03
CA ALA B 128 7.42 3.40 -12.22
C ALA B 128 6.57 3.23 -10.96
N GLU B 129 5.57 2.36 -10.99
CA GLU B 129 4.70 2.16 -9.84
C GLU B 129 5.18 1.03 -8.93
N GLY B 130 6.17 0.25 -9.35
CA GLY B 130 6.65 -0.86 -8.56
C GLY B 130 5.83 -2.12 -8.68
N GLU B 131 4.98 -2.21 -9.70
CA GLU B 131 4.19 -3.41 -9.95
C GLU B 131 4.99 -4.39 -10.78
N GLY B 132 5.08 -5.64 -10.29
CA GLY B 132 5.74 -6.69 -11.04
C GLY B 132 7.26 -6.67 -10.97
N ILE B 133 7.90 -7.75 -11.43
CA ILE B 133 9.36 -7.87 -11.45
C ILE B 133 9.81 -7.92 -12.90
N TRP B 134 10.67 -6.98 -13.30
CA TRP B 134 11.00 -6.82 -14.70
C TRP B 134 12.44 -7.21 -15.07
N GLU B 135 13.38 -7.26 -14.11
CA GLU B 135 14.77 -7.66 -14.43
C GLU B 135 15.28 -8.62 -13.36
N HIS C 10 -2.52 18.67 25.33
CA HIS C 10 -3.14 17.94 24.19
C HIS C 10 -2.18 17.95 23.00
N SER C 11 -0.93 18.33 23.22
CA SER C 11 -0.02 18.24 22.09
C SER C 11 0.65 16.88 22.07
N GLN C 12 1.33 16.56 20.96
CA GLN C 12 2.22 15.40 20.92
C GLN C 12 3.29 15.53 21.98
N ASP C 13 3.68 14.40 22.58
CA ASP C 13 4.66 14.45 23.65
C ASP C 13 5.97 15.07 23.14
N PRO C 14 6.64 15.89 23.96
CA PRO C 14 7.93 16.46 23.53
C PRO C 14 8.97 15.42 23.15
N GLY C 15 8.81 14.16 23.57
CA GLY C 15 9.80 13.14 23.27
C GLY C 15 9.93 12.81 21.79
N ILE C 16 8.94 13.20 20.98
CA ILE C 16 8.86 12.83 19.57
C ILE C 16 9.40 13.98 18.71
N ASN C 17 10.54 13.74 18.07
CA ASN C 17 11.19 14.72 17.20
C ASN C 17 10.81 14.48 15.72
N ARG C 18 11.15 15.46 14.87
CA ARG C 18 11.11 15.19 13.46
C ARG C 18 12.24 14.22 13.08
N LYS C 19 12.14 13.67 11.88
CA LYS C 19 13.08 12.64 11.46
C LYS C 19 13.69 12.99 10.11
N ALA C 20 14.91 12.51 9.90
CA ALA C 20 15.62 12.66 8.65
C ALA C 20 15.92 11.28 8.08
N ILE C 21 15.78 11.14 6.77
CA ILE C 21 16.07 9.89 6.07
C ILE C 21 17.18 10.18 5.06
N ASN C 22 18.24 9.36 5.11
CA ASN C 22 19.37 9.50 4.20
C ASN C 22 19.77 8.13 3.67
N PHE C 23 20.11 8.07 2.39
CA PHE C 23 20.49 6.82 1.75
C PHE C 23 21.48 7.10 0.63
N ASP C 24 22.26 6.08 0.30
CA ASP C 24 23.09 6.04 -0.89
C ASP C 24 22.81 4.74 -1.62
N LEU C 25 22.69 4.81 -2.94
CA LEU C 25 22.42 3.64 -3.76
C LEU C 25 23.57 3.45 -4.75
N SER C 26 23.75 2.20 -5.17
CA SER C 26 24.86 1.82 -6.04
C SER C 26 24.48 2.03 -7.50
N THR C 27 25.06 3.05 -8.14
CA THR C 27 24.70 3.40 -9.51
C THR C 27 24.83 2.22 -10.46
N LYS C 28 25.86 1.40 -10.26
CA LYS C 28 26.03 0.19 -11.11
C LYS C 28 24.77 -0.69 -10.99
N SER C 29 24.33 -0.95 -9.75
CA SER C 29 23.16 -1.80 -9.52
C SER C 29 21.89 -1.20 -10.13
N LEU C 30 21.71 0.13 -9.99
CA LEU C 30 20.52 0.78 -10.53
C LEU C 30 20.40 0.60 -12.05
N GLU C 31 21.53 0.46 -12.75
CA GLU C 31 21.51 0.29 -14.20
C GLU C 31 20.96 -1.06 -14.63
N LYS C 32 21.00 -2.07 -13.77
CA LYS C 32 20.38 -3.35 -14.11
C LYS C 32 18.86 -3.22 -14.24
N TYR C 33 18.25 -2.27 -13.52
CA TYR C 33 16.81 -2.12 -13.52
C TYR C 33 16.31 -0.91 -14.30
N PHE C 34 17.12 0.14 -14.45
CA PHE C 34 16.66 1.34 -15.15
C PHE C 34 17.68 1.72 -16.22
N LYS C 35 17.20 1.89 -17.45
CA LYS C 35 18.05 2.43 -18.51
C LYS C 35 18.44 3.87 -18.23
N ASP C 36 17.63 4.59 -17.45
CA ASP C 36 17.95 5.96 -17.02
C ASP C 36 17.95 5.99 -15.49
N THR C 37 19.14 6.05 -14.89
CA THR C 37 19.29 5.97 -13.45
C THR C 37 18.78 7.21 -12.71
N ARG C 38 18.24 8.22 -13.42
CA ARG C 38 17.56 9.30 -12.72
C ARG C 38 16.17 8.88 -12.24
N GLU C 39 15.55 7.92 -12.92
CA GLU C 39 14.19 7.52 -12.54
C GLU C 39 14.08 7.04 -11.09
N PRO C 40 14.89 6.09 -10.61
CA PRO C 40 14.75 5.64 -9.21
C PRO C 40 14.66 6.77 -8.20
N TYR C 41 15.48 7.82 -8.34
CA TYR C 41 15.48 8.91 -7.36
C TYR C 41 14.21 9.74 -7.44
N SER C 42 13.65 9.90 -8.65
CA SER C 42 12.42 10.68 -8.78
C SER C 42 11.23 9.91 -8.24
N LEU C 43 11.22 8.59 -8.45
CA LEU C 43 10.20 7.73 -7.85
C LEU C 43 10.25 7.78 -6.32
N ILE C 44 11.45 7.66 -5.75
CA ILE C 44 11.58 7.71 -4.29
C ILE C 44 11.16 9.06 -3.77
N LYS C 45 11.52 10.12 -4.50
CA LYS C 45 11.11 11.48 -4.14
C LYS C 45 9.60 11.62 -4.14
N LYS C 46 8.92 11.07 -5.15
CA LYS C 46 7.47 11.16 -5.20
C LYS C 46 6.82 10.40 -4.04
N PHE C 47 7.35 9.21 -3.73
CA PHE C 47 6.85 8.44 -2.58
C PHE C 47 7.07 9.18 -1.27
N MET C 48 8.26 9.75 -1.08
CA MET C 48 8.57 10.44 0.17
C MET C 48 7.59 11.58 0.41
N LEU C 49 7.32 12.36 -0.65
CA LEU C 49 6.44 13.52 -0.53
C LEU C 49 5.01 13.11 -0.21
N GLU C 50 4.55 11.99 -0.76
CA GLU C 50 3.23 11.46 -0.43
C GLU C 50 3.12 10.98 1.00
N ASN C 51 4.24 10.81 1.70
CA ASN C 51 4.25 10.23 3.04
C ASN C 51 4.88 11.19 4.05
N GLY C 52 4.73 12.49 3.85
CA GLY C 52 5.11 13.46 4.86
C GLY C 52 6.56 13.87 4.90
N PHE C 53 7.34 13.58 3.87
CA PHE C 53 8.78 13.82 3.86
C PHE C 53 9.15 14.70 2.67
N GLU C 54 9.77 15.85 2.96
CA GLU C 54 10.24 16.79 1.96
C GLU C 54 11.76 16.74 1.86
N HIS C 55 12.28 17.17 0.72
CA HIS C 55 13.69 17.01 0.38
C HIS C 55 14.53 18.20 0.81
N TYR C 61 15.99 13.84 3.02
CA TYR C 61 14.57 13.98 3.31
C TYR C 61 14.30 14.25 4.78
N THR C 62 13.35 15.15 5.06
CA THR C 62 12.98 15.49 6.43
C THR C 62 11.47 15.50 6.55
N SER C 63 10.96 14.99 7.66
CA SER C 63 9.52 15.01 7.89
C SER C 63 9.06 16.43 8.15
N LYS C 64 7.90 16.79 7.58
CA LYS C 64 7.34 18.11 7.82
C LYS C 64 6.98 18.30 9.28
N GLU C 65 6.56 17.22 9.93
CA GLU C 65 6.15 17.22 11.33
C GLU C 65 6.94 16.20 12.11
N PRO C 66 6.93 16.28 13.44
CA PRO C 66 7.46 15.18 14.25
C PRO C 66 6.70 13.89 13.97
N ILE C 67 7.44 12.78 14.00
CA ILE C 67 6.84 11.47 13.71
C ILE C 67 7.65 10.41 14.45
N ASN C 68 6.98 9.47 15.09
CA ASN C 68 7.70 8.50 15.90
C ASN C 68 8.35 7.43 15.02
N GLU C 69 9.31 6.71 15.62
CA GLU C 69 10.08 5.71 14.88
C GLU C 69 9.21 4.56 14.38
N ARG C 70 8.11 4.25 15.07
CA ARG C 70 7.26 3.16 14.60
C ARG C 70 6.61 3.55 13.27
N ARG C 71 6.04 4.74 13.21
CA ARG C 71 5.43 5.19 11.96
C ARG C 71 6.46 5.33 10.85
N VAL C 72 7.69 5.74 11.15
CA VAL C 72 8.68 5.87 10.09
C VAL C 72 9.10 4.51 9.55
N ILE C 73 9.23 3.50 10.41
CA ILE C 73 9.67 2.24 9.83
C ILE C 73 8.52 1.56 9.09
N ARG C 74 7.27 1.89 9.41
CA ARG C 74 6.16 1.45 8.58
C ARG C 74 6.24 2.10 7.20
N ILE C 75 6.69 3.36 7.15
CA ILE C 75 6.83 4.04 5.86
C ILE C 75 7.94 3.39 5.04
N ILE C 76 9.05 3.03 5.70
CA ILE C 76 10.14 2.33 5.03
C ILE C 76 9.72 0.93 4.60
N ASN C 77 8.90 0.26 5.41
CA ASN C 77 8.41 -1.07 5.03
C ASN C 77 7.58 -0.97 3.75
N LYS C 78 6.63 -0.03 3.73
CA LYS C 78 5.86 0.28 2.54
C LYS C 78 6.75 0.56 1.34
N LEU C 79 7.81 1.36 1.54
CA LEU C 79 8.73 1.73 0.45
C LEU C 79 9.44 0.50 -0.14
N THR C 80 9.94 -0.41 0.72
CA THR C 80 10.68 -1.57 0.23
C THR C 80 9.76 -2.58 -0.44
N LYS C 81 8.53 -2.73 0.07
CA LYS C 81 7.52 -3.55 -0.61
C LYS C 81 7.21 -2.99 -1.99
N LYS C 82 7.17 -1.67 -2.13
CA LYS C 82 6.85 -1.06 -3.42
C LYS C 82 8.00 -1.26 -4.39
N PHE C 83 9.21 -0.90 -3.99
CA PHE C 83 10.37 -0.92 -4.86
C PHE C 83 11.32 -2.00 -4.39
N THR C 84 11.02 -3.24 -4.77
CA THR C 84 11.81 -4.36 -4.28
C THR C 84 13.22 -4.35 -4.82
N TRP C 85 13.52 -3.51 -5.80
CA TRP C 85 14.89 -3.32 -6.26
C TRP C 85 15.73 -2.49 -5.29
N LEU C 86 15.12 -1.89 -4.26
CA LEU C 86 15.89 -1.09 -3.33
C LEU C 86 16.89 -1.94 -2.54
N GLY C 87 16.52 -3.18 -2.18
CA GLY C 87 17.40 -4.00 -1.37
C GLY C 87 18.73 -4.32 -2.04
N GLU C 88 18.74 -4.45 -3.36
CA GLU C 88 19.93 -4.85 -4.11
C GLU C 88 20.79 -3.67 -4.53
N CYS C 89 20.28 -2.44 -4.41
CA CYS C 89 21.04 -1.25 -4.77
C CYS C 89 21.41 -0.38 -3.59
N VAL C 90 20.83 -0.62 -2.41
CA VAL C 90 21.10 0.26 -1.28
C VAL C 90 22.51 -0.03 -0.75
N LYS C 91 23.29 1.04 -0.57
CA LYS C 91 24.59 1.00 0.07
C LYS C 91 24.57 1.52 1.50
N GLU C 92 23.74 2.53 1.79
CA GLU C 92 23.46 3.02 3.13
C GLU C 92 22.00 3.45 3.19
N PHE C 93 21.39 3.31 4.38
CA PHE C 93 20.05 3.83 4.61
C PHE C 93 19.92 4.10 6.10
N ASP C 94 19.78 5.38 6.48
CA ASP C 94 19.80 5.79 7.89
C ASP C 94 18.62 6.70 8.22
N ILE C 95 18.10 6.55 9.44
CA ILE C 95 17.08 7.43 10.01
C ILE C 95 17.71 8.16 11.21
N THR C 96 17.58 9.50 11.22
CA THR C 96 18.23 10.34 12.24
C THR C 96 17.21 11.25 12.92
N GLU C 97 17.21 11.26 14.26
CA GLU C 97 16.41 12.21 15.03
C GLU C 97 16.87 13.64 14.74
N ILE C 98 15.91 14.54 14.52
CA ILE C 98 16.19 15.96 14.30
C ILE C 98 15.66 16.71 15.52
N GLY C 99 16.58 17.26 16.32
CA GLY C 99 16.23 17.98 17.53
C GLY C 99 15.86 19.43 17.25
N GLU C 100 16.04 20.26 18.28
CA GLU C 100 15.63 21.65 18.13
C GLU C 100 16.56 22.41 17.20
N GLN C 101 16.02 23.45 16.60
CA GLN C 101 16.76 24.28 15.66
C GLN C 101 16.74 25.72 16.14
N TYR C 102 17.87 26.40 15.97
CA TYR C 102 18.02 27.77 16.40
C TYR C 102 18.32 28.63 15.19
N SER C 103 17.72 29.81 15.14
CA SER C 103 17.91 30.74 14.04
C SER C 103 18.96 31.79 14.39
N LEU C 104 19.91 32.02 13.50
CA LEU C 104 20.97 32.99 13.76
C LEU C 104 21.20 34.00 12.65
N LYS C 105 20.30 34.09 11.66
CA LYS C 105 20.49 35.06 10.58
C LYS C 105 20.52 36.49 11.11
N GLU C 106 19.58 36.86 11.98
CA GLU C 106 19.56 38.22 12.51
C GLU C 106 20.73 38.48 13.44
N THR C 107 21.13 37.48 14.23
CA THR C 107 22.27 37.63 15.13
C THR C 107 23.56 37.89 14.35
N ILE C 108 23.76 37.15 13.25
CA ILE C 108 24.94 37.35 12.41
C ILE C 108 24.96 38.76 11.84
N GLN C 109 23.82 39.21 11.31
CA GLN C 109 23.70 40.60 10.86
C GLN C 109 23.97 41.57 12.00
N ASP C 110 23.60 41.20 13.24
CA ASP C 110 23.87 42.04 14.40
C ASP C 110 25.37 42.10 14.71
N LEU C 111 26.05 40.95 14.63
CA LEU C 111 27.48 40.92 14.89
C LEU C 111 28.29 41.59 13.79
N CYS C 112 27.71 41.73 12.61
CA CYS C 112 28.36 42.41 11.48
C CYS C 112 27.77 43.81 11.30
N ALA C 113 27.94 44.62 12.35
CA ALA C 113 27.39 45.96 12.38
C ALA C 113 28.34 46.89 13.14
N GLU D 24 36.94 5.33 23.62
CA GLU D 24 36.23 4.90 22.41
C GLU D 24 35.11 3.98 22.86
N ASP D 25 35.49 2.98 23.68
CA ASP D 25 34.46 2.18 24.33
C ASP D 25 33.76 3.01 25.40
N LEU D 26 34.54 3.80 26.16
CA LEU D 26 33.97 4.74 27.11
C LEU D 26 32.85 5.55 26.48
N GLU D 27 33.18 6.23 25.37
CA GLU D 27 32.24 7.21 24.75
C GLU D 27 31.17 6.60 23.82
N ASP D 28 31.02 5.29 23.81
CA ASP D 28 29.90 4.69 23.08
C ASP D 28 28.69 4.74 23.98
N LEU D 29 27.82 5.73 23.77
CA LEU D 29 26.70 5.95 24.66
C LEU D 29 25.53 5.03 24.33
N ALA D 30 24.86 4.54 25.36
CA ALA D 30 23.78 3.59 25.20
C ALA D 30 22.56 4.25 24.54
N TYR D 31 21.88 3.49 23.73
CA TYR D 31 20.67 3.87 23.01
C TYR D 31 19.45 3.78 23.93
N PRO D 32 18.39 4.53 23.66
CA PRO D 32 17.18 4.40 24.49
C PRO D 32 16.47 3.09 24.16
N LEU D 33 15.77 2.55 25.16
CA LEU D 33 15.15 1.23 25.02
C LEU D 33 14.11 1.21 23.89
N LEU D 34 14.18 0.17 23.07
CA LEU D 34 13.05 -0.27 22.26
C LEU D 34 12.75 -1.71 22.63
N GLY D 35 11.47 -2.05 22.67
CA GLY D 35 11.11 -3.44 22.87
C GLY D 35 9.66 -3.69 22.57
N THR D 36 9.17 -4.82 23.07
CA THR D 36 7.76 -5.15 22.91
C THR D 36 7.33 -6.06 24.04
N ARG D 37 6.11 -5.86 24.51
CA ARG D 37 5.48 -6.74 25.49
C ARG D 37 4.39 -7.54 24.78
N ILE D 38 4.37 -8.85 24.99
CA ILE D 38 3.46 -9.76 24.29
C ILE D 38 2.70 -10.58 25.32
N VAL D 39 1.37 -10.63 25.20
CA VAL D 39 0.50 -11.46 26.04
C VAL D 39 -0.51 -12.20 25.15
N LEU D 40 -0.50 -13.54 25.20
CA LEU D 40 -1.46 -14.38 24.47
C LEU D 40 -2.71 -14.65 25.31
N ASP D 41 -3.80 -14.93 24.61
CA ASP D 41 -5.10 -15.27 25.27
C ASP D 41 -5.14 -16.79 25.45
N GLU D 42 -4.44 -17.30 26.44
CA GLU D 42 -4.35 -18.77 26.62
C GLU D 42 -5.75 -19.40 26.70
N GLU D 43 -6.67 -18.75 27.41
CA GLU D 43 -8.03 -19.29 27.55
C GLU D 43 -8.68 -19.50 26.20
N LYS D 44 -8.56 -18.50 25.31
CA LYS D 44 -9.06 -18.65 23.95
C LYS D 44 -8.26 -19.68 23.17
N ILE D 45 -6.95 -19.71 23.37
CA ILE D 45 -6.13 -20.66 22.65
C ILE D 45 -6.55 -22.09 23.00
N LEU D 46 -6.73 -22.37 24.30
CA LEU D 46 -7.04 -23.73 24.74
C LEU D 46 -8.51 -24.11 24.54
N LYS D 47 -9.43 -23.15 24.73
CA LYS D 47 -10.84 -23.42 24.47
C LYS D 47 -11.05 -23.86 23.02
N GLU D 48 -10.51 -23.11 22.08
CA GLU D 48 -10.32 -23.63 20.72
C GLU D 48 -9.26 -24.72 20.74
N GLY D 49 -9.31 -25.61 19.76
CA GLY D 49 -8.31 -26.65 19.71
C GLY D 49 -7.24 -26.45 18.67
N LYS D 50 -7.22 -25.30 18.00
CA LYS D 50 -6.52 -25.18 16.73
C LYS D 50 -5.01 -25.32 16.89
N TYR D 51 -4.44 -24.72 17.93
CA TYR D 51 -2.99 -24.65 18.07
C TYR D 51 -2.56 -25.13 19.44
N ASN D 52 -1.45 -25.86 19.49
CA ASN D 52 -0.83 -26.18 20.76
C ASN D 52 -0.22 -24.90 21.34
N LEU D 53 -0.50 -24.63 22.61
CA LEU D 53 -0.09 -23.36 23.20
C LEU D 53 1.42 -23.27 23.38
N GLU D 54 2.04 -24.35 23.86
CA GLU D 54 3.48 -24.32 24.13
C GLU D 54 4.29 -24.21 22.84
N ASP D 55 3.76 -24.65 21.70
CA ASP D 55 4.48 -24.44 20.44
C ASP D 55 4.41 -22.98 20.01
N MET D 56 3.34 -22.27 20.39
CA MET D 56 3.23 -20.86 20.04
C MET D 56 4.33 -20.04 20.71
N TYR D 57 4.57 -20.27 22.00
CA TYR D 57 5.64 -19.54 22.69
C TYR D 57 7.02 -19.88 22.14
N LYS D 58 7.21 -21.13 21.71
CA LYS D 58 8.49 -21.53 21.11
C LYS D 58 8.73 -20.83 19.77
N MET D 59 7.67 -20.60 19.00
CA MET D 59 7.85 -19.96 17.70
C MET D 59 8.12 -18.47 17.85
N ILE D 60 7.54 -17.82 18.87
CA ILE D 60 7.85 -16.42 19.14
C ILE D 60 9.32 -16.27 19.52
N ASP D 61 9.85 -17.24 20.28
CA ASP D 61 11.26 -17.25 20.63
C ASP D 61 12.14 -17.37 19.39
N GLU D 62 11.82 -18.32 18.51
CA GLU D 62 12.54 -18.44 17.25
C GLU D 62 12.52 -17.11 16.50
N TYR D 63 11.34 -16.50 16.39
CA TYR D 63 11.23 -15.19 15.75
C TYR D 63 12.15 -14.17 16.43
N ALA D 64 12.21 -14.18 17.77
CA ALA D 64 13.05 -13.21 18.47
C ALA D 64 14.52 -13.33 18.07
N LYS D 65 15.06 -14.56 18.00
CA LYS D 65 16.49 -14.64 17.71
C LYS D 65 16.80 -14.45 16.23
N GLU D 66 15.86 -14.78 15.35
CA GLU D 66 16.01 -14.39 13.95
C GLU D 66 16.05 -12.88 13.79
N SER D 67 15.38 -12.15 14.69
CA SER D 67 15.34 -10.70 14.58
C SER D 67 16.45 -10.00 15.36
N GLY D 68 17.22 -10.72 16.16
CA GLY D 68 18.20 -10.08 17.02
C GLY D 68 17.63 -9.43 18.28
N MET D 69 16.45 -9.85 18.74
CA MET D 69 15.86 -9.40 19.99
C MET D 69 16.33 -10.26 21.17
N ILE D 70 16.39 -9.65 22.35
CA ILE D 70 16.79 -10.35 23.57
C ILE D 70 15.54 -10.67 24.39
N LYS D 71 15.34 -11.95 24.71
CA LYS D 71 14.22 -12.33 25.56
C LYS D 71 14.53 -12.01 27.01
N ILE D 72 13.63 -11.26 27.65
CA ILE D 72 13.71 -10.97 29.08
C ILE D 72 12.86 -11.94 29.88
N ASN D 73 11.66 -12.22 29.40
CA ASN D 73 10.82 -13.26 30.00
C ASN D 73 9.73 -13.60 28.98
N LYS D 74 8.72 -14.36 29.43
CA LYS D 74 7.71 -14.90 28.53
C LYS D 74 6.96 -13.81 27.77
N GLU D 75 6.86 -12.62 28.37
CA GLU D 75 6.07 -11.53 27.79
C GLU D 75 6.92 -10.38 27.25
N THR D 76 8.25 -10.44 27.27
CA THR D 76 9.06 -9.24 27.14
C THR D 76 10.33 -9.47 26.35
N TYR D 77 10.50 -8.68 25.29
CA TYR D 77 11.68 -8.74 24.44
C TYR D 77 12.25 -7.33 24.27
N HIS D 78 13.56 -7.19 24.43
CA HIS D 78 14.25 -5.92 24.35
C HIS D 78 15.27 -5.98 23.23
N CYS D 79 15.52 -4.82 22.64
CA CYS D 79 16.64 -4.67 21.73
C CYS D 79 17.97 -4.62 22.50
N LYS D 80 19.06 -4.86 21.77
CA LYS D 80 20.40 -4.86 22.35
C LYS D 80 20.87 -3.48 22.72
N GLY D 81 20.29 -2.44 22.13
CA GLY D 81 20.64 -1.07 22.46
C GLY D 81 21.72 -0.46 21.61
N ASP D 82 21.78 -0.78 20.31
CA ASP D 82 22.69 -0.11 19.41
C ASP D 82 21.94 0.41 18.18
N LYS D 83 22.67 0.99 17.22
CA LYS D 83 22.07 1.61 16.04
C LYS D 83 21.34 0.64 15.13
N TYR D 84 21.39 -0.66 15.41
CA TYR D 84 20.59 -1.63 14.67
C TYR D 84 19.25 -1.95 15.34
N ASP D 85 18.89 -1.26 16.43
CA ASP D 85 17.68 -1.61 17.17
C ASP D 85 16.43 -1.52 16.29
N LEU D 86 16.31 -0.44 15.53
CA LEU D 86 15.09 -0.20 14.76
C LEU D 86 14.92 -1.27 13.69
N GLY D 87 16.03 -1.76 13.15
CA GLY D 87 15.95 -2.84 12.17
C GLY D 87 15.54 -4.16 12.78
N CYS D 88 15.97 -4.40 14.02
CA CYS D 88 15.53 -5.59 14.74
C CYS D 88 14.04 -5.53 15.04
N MET D 89 13.57 -4.38 15.54
CA MET D 89 12.14 -4.22 15.78
C MET D 89 11.32 -4.41 14.49
N THR D 90 11.85 -3.95 13.34
CA THR D 90 11.13 -4.07 12.07
C THR D 90 10.87 -5.54 11.72
N LEU D 91 11.91 -6.37 11.83
CA LEU D 91 11.75 -7.78 11.49
C LEU D 91 10.87 -8.50 12.50
N PHE D 92 11.11 -8.27 13.80
CA PHE D 92 10.33 -8.96 14.82
C PHE D 92 8.85 -8.59 14.74
N ILE D 93 8.55 -7.29 14.61
CA ILE D 93 7.16 -6.84 14.65
C ILE D 93 6.53 -6.96 13.27
N TYR D 94 7.15 -6.36 12.25
CA TYR D 94 6.48 -6.13 10.97
C TYR D 94 6.86 -7.13 9.88
N LYS D 95 7.77 -8.07 10.17
CA LYS D 95 7.97 -9.23 9.31
C LYS D 95 7.42 -10.50 9.95
N TYR D 96 7.97 -10.95 11.08
CA TYR D 96 7.58 -12.26 11.60
C TYR D 96 6.23 -12.24 12.30
N LEU D 97 6.06 -11.42 13.34
CA LEU D 97 4.85 -11.55 14.15
C LEU D 97 3.60 -11.09 13.39
N ILE D 98 3.70 -10.01 12.61
CA ILE D 98 2.51 -9.44 12.00
C ILE D 98 1.92 -10.37 10.91
N ASP D 99 2.77 -11.18 10.27
CA ASP D 99 2.34 -12.09 9.21
C ASP D 99 1.93 -13.47 9.73
N SER D 100 1.82 -13.64 11.04
CA SER D 100 1.49 -14.93 11.64
C SER D 100 0.05 -14.85 12.14
N GLU D 101 -0.87 -15.44 11.37
CA GLU D 101 -2.27 -15.41 11.75
C GLU D 101 -2.50 -16.11 13.08
N TRP D 102 -1.72 -17.16 13.37
CA TRP D 102 -1.90 -17.83 14.65
C TRP D 102 -1.57 -16.91 15.82
N PHE D 103 -0.68 -15.94 15.59
CA PHE D 103 -0.33 -14.98 16.63
C PHE D 103 -1.37 -13.88 16.75
N THR D 104 -1.59 -13.14 15.66
CA THR D 104 -2.47 -11.98 15.71
C THR D 104 -3.88 -12.38 16.16
N LYS D 105 -4.38 -13.54 15.71
CA LYS D 105 -5.74 -13.91 16.07
C LYS D 105 -5.88 -14.29 17.54
N ASN D 106 -4.77 -14.55 18.24
CA ASN D 106 -4.82 -15.02 19.62
C ASN D 106 -4.08 -14.11 20.61
N ALA D 107 -3.72 -12.91 20.21
CA ALA D 107 -2.95 -12.02 21.07
C ALA D 107 -3.90 -11.23 21.98
N LYS D 108 -3.64 -11.27 23.30
CA LYS D 108 -4.47 -10.51 24.22
C LYS D 108 -4.00 -9.06 24.36
N GLU D 109 -2.68 -8.85 24.41
CA GLU D 109 -2.07 -7.54 24.51
C GLU D 109 -0.78 -7.55 23.68
N TRP D 110 -0.46 -6.43 23.02
CA TRP D 110 0.75 -6.35 22.22
C TRP D 110 1.16 -4.88 22.17
N ILE D 111 2.32 -4.57 22.77
CA ILE D 111 2.75 -3.21 23.05
C ILE D 111 4.07 -2.94 22.34
N TRP D 112 4.15 -1.81 21.64
CA TRP D 112 5.41 -1.28 21.17
C TRP D 112 6.03 -0.42 22.27
N ILE D 113 7.21 -0.79 22.75
CA ILE D 113 7.84 -0.09 23.87
C ILE D 113 8.94 0.84 23.33
N SER D 114 8.83 2.14 23.64
CA SER D 114 9.87 3.12 23.32
C SER D 114 10.10 4.01 24.52
N GLU D 115 11.31 3.95 25.07
CA GLU D 115 11.68 4.83 26.17
C GLU D 115 11.58 6.30 25.76
N LYS D 116 12.13 6.64 24.60
CA LYS D 116 12.19 8.02 24.12
C LYS D 116 10.81 8.57 23.77
N GLU D 117 9.98 7.78 23.07
CA GLU D 117 8.80 8.31 22.43
C GLU D 117 7.49 7.82 23.03
N GLY D 118 7.53 6.84 23.93
CA GLY D 118 6.34 6.35 24.57
C GLY D 118 5.86 5.04 23.95
N ASN D 119 5.07 4.31 24.72
CA ASN D 119 4.55 3.02 24.32
C ASN D 119 3.22 3.17 23.59
N SER D 120 2.91 2.17 22.77
CA SER D 120 1.64 2.19 22.04
C SER D 120 1.11 0.78 21.87
N ASP D 121 -0.21 0.72 21.70
CA ASP D 121 -0.97 -0.52 21.51
C ASP D 121 -0.82 -0.97 20.07
N LEU D 122 -0.06 -2.05 19.85
CA LEU D 122 0.10 -2.54 18.49
C LEU D 122 -1.15 -3.22 17.94
N ILE D 123 -2.06 -3.69 18.78
CA ILE D 123 -3.28 -4.33 18.27
C ILE D 123 -4.22 -3.30 17.68
N SER D 124 -4.60 -2.30 18.48
CA SER D 124 -5.50 -1.28 17.96
C SER D 124 -4.89 -0.59 16.75
N ALA D 125 -3.58 -0.31 16.79
CA ALA D 125 -2.90 0.34 15.67
C ALA D 125 -2.92 -0.54 14.42
N SER D 126 -2.54 -1.81 14.56
CA SER D 126 -2.52 -2.68 13.38
C SER D 126 -3.92 -2.88 12.80
N LYS D 127 -4.96 -2.89 13.65
CA LYS D 127 -6.32 -3.00 13.13
C LYS D 127 -6.65 -1.82 12.23
N ALA D 128 -6.42 -0.60 12.71
CA ALA D 128 -6.70 0.59 11.91
C ALA D 128 -5.79 0.69 10.69
N GLU D 129 -4.59 0.10 10.74
CA GLU D 129 -3.67 0.18 9.62
C GLU D 129 -3.84 -0.93 8.59
N GLY D 130 -4.65 -1.95 8.88
CA GLY D 130 -4.75 -3.07 7.97
C GLY D 130 -3.60 -4.05 8.06
N GLU D 131 -2.74 -3.94 9.07
CA GLU D 131 -1.63 -4.86 9.26
C GLU D 131 -2.09 -6.10 10.02
N GLY D 132 -1.80 -7.28 9.45
CA GLY D 132 -2.17 -8.53 10.08
C GLY D 132 -3.63 -8.89 9.87
N ILE D 133 -3.99 -10.09 10.32
CA ILE D 133 -5.37 -10.58 10.28
C ILE D 133 -5.83 -10.88 11.70
N TRP D 134 -6.89 -10.20 12.14
CA TRP D 134 -7.39 -10.30 13.50
C TRP D 134 -8.80 -10.89 13.55
S SO4 E . -1.38 4.05 6.96
O1 SO4 E . -2.68 4.06 7.71
O2 SO4 E . -0.79 2.67 6.91
O3 SO4 E . -1.62 4.54 5.56
O4 SO4 E . -0.40 4.95 7.66
S SO4 F . 1.43 5.21 -7.17
O1 SO4 F . 1.20 3.73 -7.15
O2 SO4 F . 2.84 5.53 -7.59
O3 SO4 F . 0.49 5.84 -8.16
O4 SO4 F . 1.19 5.78 -5.80
S SO4 G . -26.82 -6.56 6.96
O1 SO4 G . -26.39 -7.60 7.95
O2 SO4 G . -26.68 -7.14 5.59
O3 SO4 G . -28.25 -6.17 7.22
O4 SO4 G . -25.95 -5.35 7.12
S SO4 H . -1.81 6.75 -17.42
O1 SO4 H . -2.97 6.03 -16.79
O2 SO4 H . -0.77 5.73 -17.77
O3 SO4 H . -2.27 7.46 -18.66
O4 SO4 H . -1.24 7.75 -16.46
S SO4 I . -23.76 -6.50 -8.84
O1 SO4 I . -24.75 -7.06 -7.85
O2 SO4 I . -23.69 -7.41 -10.03
O3 SO4 I . -24.18 -5.12 -9.30
O4 SO4 I . -22.41 -6.44 -8.18
S SO4 J . 1.07 5.50 17.79
O1 SO4 J . 0.20 4.28 17.62
O2 SO4 J . 2.22 5.48 16.83
O3 SO4 J . 0.21 6.71 17.52
O4 SO4 J . 1.56 5.54 19.20
S SO4 K . 28.14 3.21 -7.41
O1 SO4 K . 28.71 2.58 -6.17
O2 SO4 K . 27.43 2.17 -8.21
O3 SO4 K . 27.17 4.30 -7.03
O4 SO4 K . 29.25 3.76 -8.25
#